data_7TXP
#
_entry.id   7TXP
#
_cell.length_a   97.001
_cell.length_b   97.001
_cell.length_c   73.285
_cell.angle_alpha   90.000
_cell.angle_beta   90.000
_cell.angle_gamma   120.000
#
_symmetry.space_group_name_H-M   'H 3'
#
loop_
_entity.id
_entity.type
_entity.pdbx_description
1 polymer VioB
2 non-polymer dTDP-4-amino-4,6-dideoxyglucose
3 non-polymer 'SODIUM ION'
4 water water
#
_entity_poly.entity_id   1
_entity_poly.type   'polypeptide(L)'
_entity_poly.pdbx_seq_one_letter_code
;MKELIIVGAGGHGNEISWLAKRCGRVVRGFLDNTVEKQGTFIRDIPVLGTLDECSKFTDCDFVIAIGSPRARKKIIEHFF
PEGEFTFATLIDPTATIGENIHIEEGTMICAGGILTVDVKLGKHCIVNTNAVLSHGVILGDYVTVAPNASISGDVSLGNI
VEIGANATIREKVSVQDGAMVGMGSVVIRNILSNQVVVGNPAKLLKVIELEHHHHHH
;
_entity_poly.pdbx_strand_id   A
#
loop_
_chem_comp.id
_chem_comp.type
_chem_comp.name
_chem_comp.formula
0FX non-polymer dTDP-4-amino-4,6-dideoxyglucose 'C16 H27 N3 O14 P2'
NA non-polymer 'SODIUM ION' 'Na 1'
#
# COMPACT_ATOMS: atom_id res chain seq x y z
N MET A 1 -15.82 -0.17 -16.07
CA MET A 1 -14.93 0.57 -15.15
C MET A 1 -14.04 1.52 -15.96
N LYS A 2 -13.59 2.60 -15.35
CA LYS A 2 -12.55 3.48 -15.94
C LYS A 2 -11.29 2.67 -16.27
N GLU A 3 -10.55 3.05 -17.30
CA GLU A 3 -9.18 2.54 -17.51
C GLU A 3 -8.32 3.04 -16.35
N LEU A 4 -7.19 2.39 -16.15
CA LEU A 4 -6.32 2.67 -14.99
C LEU A 4 -4.98 3.23 -15.44
N ILE A 5 -4.52 4.25 -14.74
CA ILE A 5 -3.12 4.74 -14.81
C ILE A 5 -2.41 4.31 -13.54
N ILE A 6 -1.27 3.62 -13.69
CA ILE A 6 -0.42 3.19 -12.57
C ILE A 6 0.74 4.15 -12.45
N VAL A 7 0.82 4.82 -11.32
CA VAL A 7 1.95 5.71 -11.00
C VAL A 7 3.04 4.85 -10.38
N GLY A 8 4.17 4.77 -11.05
CA GLY A 8 5.33 3.96 -10.61
C GLY A 8 5.45 2.73 -11.49
N ALA A 9 6.54 2.65 -12.24
CA ALA A 9 6.84 1.53 -13.17
C ALA A 9 8.06 0.78 -12.65
N GLY A 10 8.14 0.63 -11.33
CA GLY A 10 9.15 -0.22 -10.68
C GLY A 10 8.59 -1.58 -10.33
N GLY A 11 9.17 -2.20 -9.32
CA GLY A 11 8.79 -3.55 -8.86
C GLY A 11 7.35 -3.59 -8.46
N HIS A 12 6.91 -2.62 -7.68
CA HIS A 12 5.50 -2.66 -7.22
C HIS A 12 4.58 -2.36 -8.42
N GLY A 13 4.89 -1.38 -9.28
CA GLY A 13 4.04 -1.12 -10.47
C GLY A 13 3.93 -2.35 -11.35
N ASN A 14 5.01 -3.10 -11.49
CA ASN A 14 5.05 -4.42 -12.18
C ASN A 14 3.96 -5.31 -11.54
N GLU A 15 4.03 -5.54 -10.24
CA GLU A 15 3.03 -6.43 -9.59
C GLU A 15 1.63 -5.83 -9.62
N ILE A 16 1.49 -4.51 -9.54
CA ILE A 16 0.13 -3.91 -9.54
C ILE A 16 -0.47 -3.95 -10.96
N SER A 17 0.35 -3.88 -12.01
CA SER A 17 -0.22 -4.09 -13.37
C SER A 17 -0.76 -5.51 -13.53
N TRP A 18 -0.10 -6.46 -12.88
CA TRP A 18 -0.55 -7.87 -12.81
C TRP A 18 -1.85 -7.95 -12.03
N LEU A 19 -1.88 -7.33 -10.88
CA LEU A 19 -3.10 -7.28 -10.04
C LEU A 19 -4.26 -6.71 -10.87
N ALA A 20 -4.04 -5.57 -11.51
CA ALA A 20 -5.09 -4.86 -12.29
C ALA A 20 -5.63 -5.83 -13.35
N LYS A 21 -4.74 -6.52 -14.08
CA LYS A 21 -5.16 -7.47 -15.13
C LYS A 21 -6.04 -8.56 -14.52
N ARG A 22 -5.63 -9.09 -13.37
CA ARG A 22 -6.41 -10.16 -12.69
C ARG A 22 -7.77 -9.63 -12.21
N CYS A 23 -7.87 -8.34 -11.92
CA CYS A 23 -9.11 -7.66 -11.51
C CYS A 23 -9.97 -7.28 -12.72
N GLY A 24 -9.56 -7.61 -13.94
CA GLY A 24 -10.34 -7.35 -15.17
C GLY A 24 -10.25 -5.90 -15.62
N ARG A 25 -9.30 -5.13 -15.08
CA ARG A 25 -9.12 -3.71 -15.45
C ARG A 25 -8.28 -3.62 -16.70
N VAL A 26 -8.56 -2.62 -17.51
CA VAL A 26 -7.70 -2.20 -18.64
C VAL A 26 -6.75 -1.13 -18.11
N VAL A 27 -5.46 -1.41 -18.24
CA VAL A 27 -4.41 -0.47 -17.80
C VAL A 27 -4.02 0.36 -19.02
N ARG A 28 -4.31 1.66 -19.00
CA ARG A 28 -3.86 2.60 -20.07
C ARG A 28 -2.32 2.69 -20.12
N GLY A 29 -1.67 2.81 -18.98
CA GLY A 29 -0.22 2.83 -18.92
C GLY A 29 0.30 3.26 -17.56
N PHE A 30 1.61 3.45 -17.47
CA PHE A 30 2.29 3.94 -16.26
C PHE A 30 2.66 5.41 -16.44
N LEU A 31 2.72 6.14 -15.34
CA LEU A 31 3.48 7.40 -15.25
C LEU A 31 4.66 7.13 -14.32
N ASP A 32 5.83 7.65 -14.68
CA ASP A 32 7.09 7.36 -13.99
C ASP A 32 8.07 8.48 -14.37
N ASN A 33 8.85 8.95 -13.40
CA ASN A 33 9.74 10.10 -13.61
C ASN A 33 11.09 9.61 -14.14
N THR A 34 11.34 8.30 -14.25
CA THR A 34 12.69 7.76 -14.60
C THR A 34 12.99 8.02 -16.08
N VAL A 35 14.07 8.74 -16.37
CA VAL A 35 14.44 9.13 -17.77
C VAL A 35 14.52 7.86 -18.63
N GLU A 36 15.23 6.87 -18.12
CA GLU A 36 15.63 5.62 -18.81
C GLU A 36 14.35 4.80 -19.07
N LYS A 37 13.27 5.04 -18.34
CA LYS A 37 12.02 4.26 -18.50
C LYS A 37 11.08 4.89 -19.52
N GLN A 38 11.36 6.09 -20.01
CA GLN A 38 10.54 6.70 -21.08
C GLN A 38 10.66 5.78 -22.31
N GLY A 39 9.54 5.48 -22.97
CA GLY A 39 9.49 4.66 -24.19
C GLY A 39 9.59 3.18 -23.88
N THR A 40 9.53 2.77 -22.61
CA THR A 40 9.62 1.35 -22.19
C THR A 40 8.25 0.80 -21.82
N PHE A 41 8.21 -0.49 -21.56
CA PHE A 41 6.97 -1.25 -21.33
C PHE A 41 7.20 -2.23 -20.20
N ILE A 42 6.11 -2.60 -19.54
CA ILE A 42 6.01 -3.87 -18.74
C ILE A 42 4.89 -4.72 -19.36
N ARG A 43 5.18 -5.87 -20.00
CA ARG A 43 4.11 -6.80 -20.51
C ARG A 43 2.97 -6.10 -21.27
N ASP A 44 3.37 -5.35 -22.23
CA ASP A 44 2.53 -4.72 -23.28
C ASP A 44 1.99 -3.39 -22.77
N ILE A 45 2.30 -3.00 -21.54
CA ILE A 45 1.74 -1.77 -20.93
C ILE A 45 2.84 -0.72 -21.00
N PRO A 46 2.59 0.41 -21.71
CA PRO A 46 3.63 1.43 -21.84
C PRO A 46 3.75 2.36 -20.64
N VAL A 47 4.99 2.82 -20.44
CA VAL A 47 5.27 4.05 -19.67
C VAL A 47 4.84 5.20 -20.58
N LEU A 48 3.81 5.93 -20.17
CA LEU A 48 3.18 6.97 -21.03
C LEU A 48 3.94 8.29 -20.90
N GLY A 49 4.60 8.54 -19.77
CA GLY A 49 5.14 9.87 -19.50
C GLY A 49 5.42 10.04 -18.03
N THR A 50 5.75 11.27 -17.64
CA THR A 50 6.08 11.65 -16.26
C THR A 50 4.80 11.99 -15.51
N LEU A 51 4.91 12.19 -14.21
CA LEU A 51 3.75 12.34 -13.32
C LEU A 51 2.99 13.62 -13.62
N ASP A 52 3.66 14.64 -14.15
CA ASP A 52 2.99 15.94 -14.40
C ASP A 52 2.07 15.81 -15.63
N GLU A 53 2.05 14.65 -16.28
CA GLU A 53 1.12 14.35 -17.39
C GLU A 53 -0.20 13.79 -16.83
N CYS A 54 -0.34 13.63 -15.51
CA CYS A 54 -1.56 13.05 -14.90
C CYS A 54 -2.82 13.85 -15.30
N SER A 55 -2.70 15.15 -15.54
CA SER A 55 -3.88 16.00 -15.88
C SER A 55 -4.49 15.64 -17.25
N LYS A 56 -3.77 14.92 -18.12
CA LYS A 56 -4.22 14.47 -19.46
C LYS A 56 -5.04 13.18 -19.36
N PHE A 57 -5.20 12.61 -18.16
CA PHE A 57 -5.86 11.32 -17.92
C PHE A 57 -6.89 11.40 -16.79
N THR A 58 -7.55 12.54 -16.61
CA THR A 58 -8.58 12.70 -15.55
C THR A 58 -9.76 11.75 -15.79
N ASP A 59 -9.92 11.22 -17.01
CA ASP A 59 -10.94 10.22 -17.41
C ASP A 59 -10.61 8.86 -16.79
N CYS A 60 -9.39 8.68 -16.30
CA CYS A 60 -8.88 7.38 -15.81
C CYS A 60 -8.98 7.33 -14.28
N ASP A 61 -9.08 6.13 -13.72
CA ASP A 61 -8.70 5.90 -12.31
C ASP A 61 -7.18 5.85 -12.19
N PHE A 62 -6.67 6.26 -11.05
CA PHE A 62 -5.24 6.18 -10.74
C PHE A 62 -5.02 5.20 -9.59
N VAL A 63 -3.81 4.64 -9.55
CA VAL A 63 -3.29 3.97 -8.33
CA VAL A 63 -3.29 3.99 -8.32
C VAL A 63 -1.81 4.33 -8.19
N ILE A 64 -1.35 4.54 -6.97
CA ILE A 64 0.08 4.92 -6.75
C ILE A 64 0.83 3.66 -6.33
N ALA A 65 1.41 2.95 -7.29
CA ALA A 65 1.99 1.61 -7.09
C ALA A 65 3.47 1.74 -6.72
N ILE A 66 3.70 2.40 -5.58
CA ILE A 66 5.05 2.63 -5.02
C ILE A 66 4.99 2.22 -3.54
N GLY A 67 5.93 1.36 -3.13
CA GLY A 67 5.92 0.75 -1.80
C GLY A 67 6.06 1.78 -0.68
N SER A 68 6.96 2.75 -0.81
CA SER A 68 7.26 3.73 0.26
C SER A 68 6.01 4.50 0.61
N PRO A 69 5.52 4.44 1.88
CA PRO A 69 4.37 5.24 2.27
C PRO A 69 4.56 6.74 1.96
N ARG A 70 5.74 7.28 2.31
CA ARG A 70 5.98 8.73 2.15
C ARG A 70 5.96 9.07 0.66
N ALA A 71 6.42 8.19 -0.22
CA ALA A 71 6.36 8.47 -1.67
C ALA A 71 4.91 8.64 -2.11
N ARG A 72 4.02 7.77 -1.67
CA ARG A 72 2.61 7.89 -2.09
C ARG A 72 2.03 9.20 -1.55
N LYS A 73 2.31 9.57 -0.30
CA LYS A 73 1.75 10.81 0.27
C LYS A 73 2.34 12.00 -0.50
N LYS A 74 3.63 12.02 -0.72
CA LYS A 74 4.27 13.12 -1.46
C LYS A 74 3.60 13.30 -2.83
N ILE A 75 3.33 12.21 -3.53
CA ILE A 75 2.79 12.23 -4.91
C ILE A 75 1.34 12.71 -4.87
N ILE A 76 0.53 12.17 -3.98
CA ILE A 76 -0.87 12.61 -3.86
C ILE A 76 -0.86 14.12 -3.56
N GLU A 77 -0.06 14.56 -2.60
CA GLU A 77 -0.14 15.97 -2.16
C GLU A 77 0.34 16.91 -3.27
N HIS A 78 1.34 16.52 -4.07
CA HIS A 78 1.82 17.40 -5.16
C HIS A 78 0.91 17.32 -6.37
N PHE A 79 0.60 16.12 -6.87
CA PHE A 79 0.06 15.94 -8.24
C PHE A 79 -1.46 15.72 -8.24
N PHE A 80 -2.06 15.39 -7.10
CA PHE A 80 -3.47 14.94 -7.05
C PHE A 80 -4.29 15.74 -6.06
N PRO A 81 -4.52 17.03 -6.35
CA PRO A 81 -5.38 17.87 -5.51
C PRO A 81 -6.75 17.23 -5.25
N GLU A 82 -7.24 17.41 -4.02
CA GLU A 82 -8.56 16.91 -3.54
C GLU A 82 -9.63 17.13 -4.63
N GLY A 83 -10.32 16.06 -5.02
CA GLY A 83 -11.54 16.09 -5.86
C GLY A 83 -11.27 16.26 -7.35
N GLU A 84 -10.03 16.26 -7.81
CA GLU A 84 -9.75 16.44 -9.25
C GLU A 84 -9.63 15.07 -9.94
N PHE A 85 -9.32 14.01 -9.20
CA PHE A 85 -8.96 12.69 -9.75
C PHE A 85 -9.73 11.60 -9.00
N THR A 86 -9.91 10.47 -9.66
CA THR A 86 -10.48 9.27 -9.01
C THR A 86 -9.40 8.19 -8.87
N PHE A 87 -9.52 7.38 -7.83
CA PHE A 87 -8.54 6.31 -7.53
C PHE A 87 -9.25 4.96 -7.55
N ALA A 88 -8.59 3.96 -8.12
CA ALA A 88 -9.08 2.57 -8.09
C ALA A 88 -8.83 1.97 -6.71
N THR A 89 -9.63 0.96 -6.38
CA THR A 89 -9.39 0.03 -5.26
C THR A 89 -9.23 -1.33 -5.89
N LEU A 90 -8.06 -1.94 -5.77
CA LEU A 90 -7.75 -3.19 -6.46
C LEU A 90 -7.63 -4.31 -5.42
N ILE A 91 -8.47 -5.34 -5.55
CA ILE A 91 -8.50 -6.50 -4.63
C ILE A 91 -8.30 -7.76 -5.45
N ASP A 92 -7.19 -8.43 -5.24
CA ASP A 92 -6.88 -9.65 -6.02
C ASP A 92 -8.05 -10.63 -5.89
N PRO A 93 -8.43 -11.35 -6.97
CA PRO A 93 -9.48 -12.36 -6.84
C PRO A 93 -9.16 -13.43 -5.80
N THR A 94 -7.89 -13.65 -5.46
CA THR A 94 -7.48 -14.70 -4.48
C THR A 94 -7.28 -14.08 -3.10
N ALA A 95 -7.49 -12.78 -2.93
CA ALA A 95 -7.53 -12.20 -1.56
C ALA A 95 -8.85 -12.59 -0.92
N THR A 96 -8.85 -12.77 0.37
CA THR A 96 -10.06 -13.01 1.18
C THR A 96 -10.44 -11.75 1.90
N ILE A 97 -11.62 -11.23 1.59
CA ILE A 97 -12.19 -10.02 2.22
C ILE A 97 -13.42 -10.49 2.97
N GLY A 98 -13.39 -10.42 4.28
CA GLY A 98 -14.48 -10.95 5.09
C GLY A 98 -15.56 -9.94 5.28
N GLU A 99 -16.06 -9.86 6.50
CA GLU A 99 -17.27 -9.05 6.82
C GLU A 99 -16.90 -7.74 7.54
N ASN A 100 -17.63 -6.67 7.22
CA ASN A 100 -17.44 -5.33 7.83
C ASN A 100 -15.99 -4.90 7.62
N ILE A 101 -15.54 -5.07 6.38
CA ILE A 101 -14.21 -4.59 5.92
C ILE A 101 -14.41 -3.26 5.19
N HIS A 102 -13.77 -2.20 5.66
CA HIS A 102 -13.93 -0.85 5.07
C HIS A 102 -12.58 -0.44 4.49
N ILE A 103 -12.53 -0.27 3.18
CA ILE A 103 -11.26 0.03 2.45
C ILE A 103 -11.44 1.33 1.66
N GLU A 104 -10.63 2.34 1.90
CA GLU A 104 -10.74 3.60 1.15
C GLU A 104 -9.90 3.55 -0.13
N GLU A 105 -10.10 4.56 -0.97
CA GLU A 105 -9.69 4.48 -2.39
CA GLU A 105 -9.68 4.68 -2.39
C GLU A 105 -8.16 4.51 -2.50
N GLY A 106 -7.67 3.93 -3.60
CA GLY A 106 -6.24 3.87 -3.90
C GLY A 106 -5.58 2.65 -3.30
N THR A 107 -6.32 1.83 -2.57
CA THR A 107 -5.73 0.70 -1.84
C THR A 107 -5.59 -0.51 -2.75
N MET A 108 -4.51 -1.24 -2.49
CA MET A 108 -4.12 -2.47 -3.21
C MET A 108 -4.10 -3.61 -2.20
N ILE A 109 -4.96 -4.59 -2.39
CA ILE A 109 -5.00 -5.85 -1.59
C ILE A 109 -4.54 -6.97 -2.50
N CYS A 110 -3.37 -7.52 -2.22
CA CYS A 110 -2.68 -8.41 -3.17
C CYS A 110 -3.01 -9.89 -2.95
N ALA A 111 -2.57 -10.72 -3.89
CA ALA A 111 -2.87 -12.16 -3.96
C ALA A 111 -2.65 -12.82 -2.59
N GLY A 112 -3.62 -13.60 -2.14
CA GLY A 112 -3.46 -14.42 -0.93
C GLY A 112 -3.62 -13.62 0.34
N GLY A 113 -3.78 -12.31 0.25
CA GLY A 113 -4.01 -11.47 1.44
C GLY A 113 -5.30 -11.88 2.13
N ILE A 114 -5.39 -11.74 3.45
CA ILE A 114 -6.64 -12.07 4.19
C ILE A 114 -6.92 -10.93 5.15
N LEU A 115 -8.11 -10.34 5.06
CA LEU A 115 -8.69 -9.36 5.98
C LEU A 115 -9.97 -9.99 6.55
N THR A 116 -9.99 -10.34 7.85
CA THR A 116 -11.05 -11.23 8.38
C THR A 116 -12.34 -10.47 8.66
N VAL A 117 -12.39 -9.71 9.75
CA VAL A 117 -13.65 -9.03 10.18
C VAL A 117 -13.28 -7.69 10.80
N ASP A 118 -14.13 -6.67 10.60
CA ASP A 118 -13.98 -5.37 11.31
C ASP A 118 -12.59 -4.77 11.10
N VAL A 119 -12.09 -4.86 9.88
CA VAL A 119 -10.78 -4.27 9.49
C VAL A 119 -11.09 -2.97 8.75
N LYS A 120 -10.38 -1.90 9.05
CA LYS A 120 -10.57 -0.58 8.42
C LYS A 120 -9.23 -0.13 7.85
N LEU A 121 -9.22 0.22 6.57
CA LEU A 121 -8.02 0.76 5.88
C LEU A 121 -8.34 2.16 5.37
N GLY A 122 -7.39 3.05 5.50
CA GLY A 122 -7.50 4.37 4.88
C GLY A 122 -7.08 4.32 3.43
N LYS A 123 -6.77 5.49 2.88
CA LYS A 123 -6.55 5.66 1.45
C LYS A 123 -5.12 5.21 1.12
N HIS A 124 -4.95 4.68 -0.08
CA HIS A 124 -3.61 4.41 -0.66
C HIS A 124 -2.85 3.48 0.27
N CYS A 125 -3.51 2.45 0.78
CA CYS A 125 -2.84 1.37 1.53
C CYS A 125 -2.39 0.24 0.62
N ILE A 126 -1.39 -0.50 1.09
CA ILE A 126 -0.98 -1.75 0.42
C ILE A 126 -1.08 -2.85 1.45
N VAL A 127 -1.74 -3.93 1.08
CA VAL A 127 -1.64 -5.20 1.84
C VAL A 127 -1.07 -6.21 0.85
N ASN A 128 0.20 -6.52 0.99
CA ASN A 128 0.91 -7.28 -0.05
C ASN A 128 0.64 -8.79 0.13
N THR A 129 1.26 -9.58 -0.75
CA THR A 129 1.05 -11.02 -1.00
CA THR A 129 0.91 -11.00 -0.99
C THR A 129 0.97 -11.79 0.33
N ASN A 130 -0.14 -12.47 0.61
CA ASN A 130 -0.19 -13.50 1.68
C ASN A 130 -0.04 -12.89 3.08
N ALA A 131 -0.24 -11.58 3.23
CA ALA A 131 -0.30 -10.93 4.57
C ALA A 131 -1.66 -11.20 5.18
N VAL A 132 -1.75 -11.13 6.49
CA VAL A 132 -3.01 -11.37 7.23
C VAL A 132 -3.26 -10.22 8.19
N LEU A 133 -4.48 -9.64 8.11
CA LEU A 133 -4.99 -8.63 9.06
C LEU A 133 -6.16 -9.28 9.78
N SER A 134 -6.00 -9.53 11.06
CA SER A 134 -7.00 -10.19 11.91
C SER A 134 -8.00 -9.17 12.43
N HIS A 135 -8.97 -9.69 13.17
CA HIS A 135 -10.16 -8.94 13.64
C HIS A 135 -9.77 -7.57 14.21
N GLY A 136 -10.52 -6.52 13.78
CA GLY A 136 -10.47 -5.20 14.44
C GLY A 136 -9.19 -4.43 14.09
N VAL A 137 -8.38 -4.90 13.16
CA VAL A 137 -7.17 -4.14 12.75
C VAL A 137 -7.59 -2.83 12.07
N ILE A 138 -6.90 -1.74 12.40
CA ILE A 138 -7.16 -0.43 11.77
C ILE A 138 -5.85 0.10 11.21
N LEU A 139 -5.89 0.43 9.93
CA LEU A 139 -4.81 1.10 9.17
C LEU A 139 -5.25 2.53 8.86
N GLY A 140 -4.33 3.47 9.06
CA GLY A 140 -4.51 4.86 8.56
C GLY A 140 -4.32 4.99 7.07
N ASP A 141 -3.99 6.20 6.61
CA ASP A 141 -3.71 6.45 5.20
C ASP A 141 -2.27 6.09 4.91
N TYR A 142 -2.02 5.63 3.69
CA TYR A 142 -0.65 5.39 3.16
C TYR A 142 0.08 4.37 4.03
N VAL A 143 -0.59 3.31 4.48
CA VAL A 143 0.10 2.23 5.22
C VAL A 143 0.56 1.17 4.23
N THR A 144 1.77 0.68 4.40
CA THR A 144 2.30 -0.43 3.60
C THR A 144 2.47 -1.63 4.51
N VAL A 145 1.79 -2.72 4.16
CA VAL A 145 2.03 -4.04 4.79
C VAL A 145 2.67 -4.95 3.76
N ALA A 146 3.85 -5.43 4.05
CA ALA A 146 4.66 -6.22 3.09
C ALA A 146 4.19 -7.66 3.06
N PRO A 147 4.68 -8.44 2.10
CA PRO A 147 4.30 -9.85 1.99
C PRO A 147 4.45 -10.57 3.33
N ASN A 148 3.46 -11.42 3.62
CA ASN A 148 3.52 -12.42 4.72
C ASN A 148 3.52 -11.72 6.07
N ALA A 149 3.25 -10.42 6.16
CA ALA A 149 3.16 -9.81 7.50
C ALA A 149 1.99 -10.41 8.27
N SER A 150 2.16 -10.55 9.58
CA SER A 150 1.19 -11.20 10.47
C SER A 150 0.69 -10.16 11.48
N ILE A 151 -0.42 -9.50 11.16
CA ILE A 151 -0.96 -8.38 11.97
CA ILE A 151 -0.98 -8.36 11.94
C ILE A 151 -2.12 -8.90 12.80
N SER A 152 -1.84 -9.12 14.08
CA SER A 152 -2.81 -9.76 15.00
C SER A 152 -4.00 -8.85 15.32
N GLY A 153 -4.97 -9.42 16.02
CA GLY A 153 -6.23 -8.76 16.34
C GLY A 153 -6.01 -7.40 16.95
N ASP A 154 -6.85 -6.43 16.56
CA ASP A 154 -6.96 -5.12 17.27
C ASP A 154 -5.65 -4.32 17.23
N VAL A 155 -4.74 -4.63 16.32
CA VAL A 155 -3.57 -3.74 16.09
C VAL A 155 -4.01 -2.46 15.39
N SER A 156 -3.45 -1.32 15.81
CA SER A 156 -3.67 -0.01 15.15
C SER A 156 -2.37 0.45 14.48
N LEU A 157 -2.41 0.66 13.16
CA LEU A 157 -1.27 1.21 12.39
C LEU A 157 -1.64 2.62 11.95
N GLY A 158 -0.86 3.59 12.41
CA GLY A 158 -1.09 4.99 12.03
C GLY A 158 -0.83 5.27 10.56
N ASN A 159 -0.96 6.54 10.20
CA ASN A 159 -0.66 7.01 8.83
C ASN A 159 0.82 6.81 8.52
N ILE A 160 1.13 6.55 7.24
CA ILE A 160 2.49 6.39 6.68
C ILE A 160 3.33 5.40 7.49
N VAL A 161 2.72 4.36 8.04
CA VAL A 161 3.44 3.23 8.66
C VAL A 161 3.81 2.19 7.61
N GLU A 162 4.96 1.58 7.80
CA GLU A 162 5.39 0.46 6.97
C GLU A 162 5.72 -0.72 7.87
N ILE A 163 5.12 -1.87 7.58
CA ILE A 163 5.40 -3.17 8.26
C ILE A 163 6.11 -4.06 7.25
N GLY A 164 7.36 -4.43 7.55
CA GLY A 164 8.20 -5.23 6.66
C GLY A 164 7.76 -6.66 6.54
N ALA A 165 8.36 -7.35 5.57
CA ALA A 165 7.89 -8.66 5.13
C ALA A 165 8.00 -9.66 6.27
N ASN A 166 6.93 -10.44 6.45
CA ASN A 166 6.92 -11.58 7.39
C ASN A 166 7.22 -11.09 8.83
N ALA A 167 6.97 -9.82 9.14
CA ALA A 167 7.02 -9.32 10.54
C ALA A 167 5.75 -9.80 11.24
N THR A 168 5.74 -9.77 12.56
CA THR A 168 4.61 -10.24 13.41
C THR A 168 4.33 -9.19 14.47
N ILE A 169 3.08 -8.77 14.58
CA ILE A 169 2.66 -7.71 15.52
CA ILE A 169 2.67 -7.71 15.53
C ILE A 169 1.70 -8.33 16.54
N ARG A 170 2.04 -8.24 17.82
CA ARG A 170 1.18 -8.72 18.94
C ARG A 170 -0.17 -8.01 18.90
N GLU A 171 -1.21 -8.73 19.31
CA GLU A 171 -2.58 -8.17 19.38
C GLU A 171 -2.59 -6.90 20.25
N LYS A 172 -3.41 -5.93 19.85
CA LYS A 172 -3.71 -4.66 20.57
C LYS A 172 -2.51 -3.72 20.60
N VAL A 173 -1.41 -4.04 19.93
CA VAL A 173 -0.29 -3.08 19.77
C VAL A 173 -0.74 -1.89 18.94
N SER A 174 -0.30 -0.69 19.31
CA SER A 174 -0.50 0.53 18.50
C SER A 174 0.85 0.95 17.93
N VAL A 175 0.82 1.34 16.66
CA VAL A 175 2.03 1.86 15.96
C VAL A 175 1.69 3.26 15.46
N GLN A 176 2.36 4.29 15.98
CA GLN A 176 2.00 5.69 15.68
CA GLN A 176 2.05 5.71 15.70
C GLN A 176 2.52 6.08 14.30
N ASP A 177 2.03 7.21 13.80
CA ASP A 177 2.25 7.68 12.43
C ASP A 177 3.75 7.62 12.09
N GLY A 178 4.06 7.15 10.87
CA GLY A 178 5.39 7.30 10.26
C GLY A 178 6.41 6.29 10.73
N ALA A 179 6.03 5.39 11.63
CA ALA A 179 6.95 4.36 12.13
C ALA A 179 7.26 3.31 11.05
N MET A 180 8.32 2.55 11.24
CA MET A 180 8.69 1.46 10.32
CA MET A 180 8.65 1.44 10.33
C MET A 180 9.08 0.24 11.16
N VAL A 181 8.49 -0.90 10.86
CA VAL A 181 8.86 -2.19 11.47
C VAL A 181 9.66 -2.96 10.42
N GLY A 182 10.90 -3.29 10.75
CA GLY A 182 11.75 -4.02 9.82
C GLY A 182 11.20 -5.40 9.48
N MET A 183 11.59 -5.89 8.32
CA MET A 183 11.23 -7.25 7.90
C MET A 183 11.60 -8.24 9.01
N GLY A 184 10.70 -9.18 9.22
CA GLY A 184 10.92 -10.27 10.19
C GLY A 184 10.82 -9.85 11.65
N SER A 185 10.52 -8.59 11.96
CA SER A 185 10.51 -8.13 13.37
C SER A 185 9.37 -8.81 14.11
N VAL A 186 9.54 -8.94 15.42
CA VAL A 186 8.51 -9.51 16.32
C VAL A 186 8.21 -8.42 17.34
N VAL A 187 7.09 -7.74 17.16
CA VAL A 187 6.74 -6.49 17.86
C VAL A 187 5.78 -6.83 18.97
N ILE A 188 6.16 -6.55 20.22
CA ILE A 188 5.33 -6.92 21.39
C ILE A 188 5.04 -5.68 22.24
N ARG A 189 5.51 -4.51 21.81
CA ARG A 189 5.29 -3.24 22.51
C ARG A 189 4.81 -2.18 21.54
N ASN A 190 4.09 -1.19 22.04
CA ASN A 190 3.65 -0.02 21.25
C ASN A 190 4.87 0.68 20.65
N ILE A 191 4.67 1.23 19.47
CA ILE A 191 5.74 1.98 18.75
C ILE A 191 5.28 3.43 18.61
N LEU A 192 6.21 4.34 18.87
CA LEU A 192 5.97 5.80 18.83
C LEU A 192 6.28 6.34 17.43
N SER A 193 5.85 7.57 17.21
CA SER A 193 5.90 8.25 15.90
C SER A 193 7.32 8.19 15.32
N ASN A 194 7.43 7.77 14.04
CA ASN A 194 8.66 7.84 13.22
C ASN A 194 9.74 6.90 13.75
N GLN A 195 9.42 6.01 14.70
CA GLN A 195 10.43 5.05 15.19
C GLN A 195 10.62 3.95 14.16
N VAL A 196 11.86 3.55 13.95
CA VAL A 196 12.21 2.32 13.20
C VAL A 196 12.57 1.26 14.24
N VAL A 197 11.87 0.13 14.25
CA VAL A 197 12.16 -1.00 15.16
C VAL A 197 12.50 -2.24 14.35
N VAL A 198 13.46 -3.02 14.83
CA VAL A 198 13.90 -4.24 14.11
C VAL A 198 14.18 -5.32 15.13
N GLY A 199 14.07 -6.57 14.72
CA GLY A 199 14.61 -7.71 15.46
C GLY A 199 13.57 -8.51 16.19
N ASN A 200 14.03 -9.48 16.93
CA ASN A 200 13.21 -10.38 17.77
C ASN A 200 13.86 -10.49 19.13
N PRO A 201 13.35 -9.79 20.17
CA PRO A 201 12.16 -8.97 20.05
C PRO A 201 12.55 -7.62 19.44
N ALA A 202 11.60 -6.96 18.82
CA ALA A 202 11.86 -5.67 18.16
C ALA A 202 12.42 -4.68 19.17
N LYS A 203 13.47 -3.99 18.75
CA LYS A 203 14.09 -2.91 19.55
C LYS A 203 14.20 -1.66 18.68
N LEU A 204 14.19 -0.51 19.32
CA LEU A 204 14.35 0.78 18.62
C LEU A 204 15.73 0.85 17.96
N LEU A 205 15.77 1.12 16.66
CA LEU A 205 17.04 1.25 15.87
C LEU A 205 17.40 2.74 15.80
N LYS A 206 16.43 3.57 15.39
CA LYS A 206 16.61 5.00 15.06
C LYS A 206 15.23 5.60 14.84
N VAL A 207 15.15 6.92 14.69
CA VAL A 207 13.95 7.63 14.16
C VAL A 207 14.21 7.95 12.69
N ILE A 208 13.15 7.87 11.90
CA ILE A 208 13.24 7.91 10.41
C ILE A 208 13.13 9.39 9.98
N GLU A 209 12.57 10.25 10.83
CA GLU A 209 12.42 11.70 10.52
C GLU A 209 13.23 12.51 11.55
O4P 0FX B . 8.21 -0.17 -7.01
P2 0FX B . 8.91 0.10 -5.71
O3P 0FX B . 8.16 0.97 -4.74
O1G 0FX B . 9.35 -1.31 -5.08
C1G 0FX B . 9.63 -1.41 -3.73
C2G 0FX B . 10.67 -2.47 -3.53
O2G 0FX B . 11.86 -2.21 -4.27
C3G 0FX B . 10.12 -3.83 -3.95
O3G 0FX B . 11.05 -4.88 -3.67
C4G 0FX B . 8.81 -4.11 -3.23
N4A 0FX B . 8.27 -5.37 -3.74
C5G 0FX B . 7.82 -2.96 -3.40
C6G 0FX B . 6.58 -3.05 -2.51
O5G 0FX B . 8.44 -1.72 -3.03
OPP 0FX B . 10.32 0.79 -5.98
P 0FX B . 11.17 1.00 -7.32
O1P 0FX B . 11.37 -0.31 -7.98
O2P 0FX B . 12.40 1.80 -7.00
O5 0FX B . 10.22 1.82 -8.27
C5 0FX B . 9.68 3.09 -7.93
C4 0FX B . 9.38 3.76 -9.24
O4 0FX B . 8.60 4.94 -8.97
C3 0FX B . 10.66 4.18 -9.98
O3 0FX B . 10.65 3.89 -11.37
C2 0FX B . 10.67 5.69 -9.76
C1 0FX B . 9.19 6.04 -9.66
N11 0FX B . 8.87 7.25 -8.88
C61 0FX B . 9.13 7.27 -7.53
C51 0FX B . 8.92 8.36 -6.76
C5A 0FX B . 9.18 8.36 -5.29
C21 0FX B . 8.34 8.34 -9.53
O21 0FX B . 8.10 8.36 -10.72
N31 0FX B . 8.15 9.44 -8.75
C41 0FX B . 8.36 9.54 -7.39
O41 0FX B . 8.09 10.62 -6.83
NA NA C . -1.75 -18.37 2.02
NA NA D . 5.42 -16.20 7.99
#